data_6S33
#
_entry.id   6S33
#
_cell.length_a   44.886
_cell.length_b   67.714
_cell.length_c   94.461
_cell.angle_alpha   90.00
_cell.angle_beta   90.00
_cell.angle_gamma   90.00
#
_symmetry.space_group_name_H-M   'P 21 21 21'
#
loop_
_entity.id
_entity.type
_entity.pdbx_description
1 polymer 'Aromatic acid chemoreceptor'
2 non-polymer 'ACETATE ION'
3 non-polymer '3,4-DIHYDROXYBENZOIC ACID'
4 water water
#
_entity_poly.entity_id   1
_entity_poly.type   'polypeptide(L)'
_entity_poly.pdbx_seq_one_letter_code
;MVPTRSTARMLANLKIRTGMFWVLSLFSLTLLFSTASAWWAALGSDQQITELDQTAHQSDRLNNALLMAIRSSANVSSGF
IEQLGGHDESAGKRMALSVELNNKSQALVDEFVENAREPALRGLATELQATFAEYAKAVAGQREATRQRSLEQYFKVNSD
AGNAMGRLQTLRQQLVTTLSERGQQIMLESDRRLARAQLLSLCLLGVTVVLAVLCWAFIAQRVLHPLREAGGHFRRIASG
DLSVPVQGQGNNEIGQLFHELQRMQQSQRDTLGQINNCARQLDAAATALNAVTEESANNLRQQGQELEQAATAVTEMTTA
VEEVARNAITTSQTTSESNQLAAQSRRQVSENIDGTEAMTREIQTSSAHLQQLVGQVRDIGKVLEVIRSVSEQTNLLALN
AAIEAARAGEAGRGFAVVADEVRTLAYRTQQSTQEIEQMIGSVQAGTEAAVASMQASTNRAQSTLDVTLASGQVLEGIYS
AIGEINERNLVIASAAEEQAQVAREVDRNLLNIRELSNHSAAGAQQTSEASKALSGLVGEMTALVGRFKV
;
_entity_poly.pdbx_strand_id   A,B
#
# COMPACT_ATOMS: atom_id res chain seq x y z
N GLN A 47 30.58 -6.66 11.47
CA GLN A 47 30.17 -8.03 11.74
C GLN A 47 29.00 -8.44 10.85
N GLN A 48 28.65 -9.73 10.90
CA GLN A 48 27.53 -10.23 10.12
C GLN A 48 26.22 -9.60 10.57
N ILE A 49 26.04 -9.41 11.89
CA ILE A 49 24.79 -8.86 12.38
C ILE A 49 24.64 -7.40 11.96
N THR A 50 25.74 -6.67 11.79
CA THR A 50 25.66 -5.30 11.30
C THR A 50 25.08 -5.27 9.90
N GLU A 51 25.73 -5.95 8.95
CA GLU A 51 25.21 -6.01 7.58
C GLU A 51 23.84 -6.66 7.53
N LEU A 52 23.58 -7.64 8.40
CA LEU A 52 22.25 -8.23 8.49
C LEU A 52 21.24 -7.21 8.99
N ASP A 53 21.61 -6.44 10.02
CA ASP A 53 20.72 -5.40 10.53
C ASP A 53 20.43 -4.35 9.47
N GLN A 54 21.45 -3.99 8.68
N GLN A 54 21.44 -3.99 8.68
CA GLN A 54 21.25 -2.99 7.64
CA GLN A 54 21.24 -2.99 7.65
C GLN A 54 20.40 -3.51 6.49
C GLN A 54 20.39 -3.52 6.50
N THR A 55 20.48 -4.82 6.22
CA THR A 55 19.64 -5.41 5.18
C THR A 55 18.16 -5.37 5.59
N ALA A 56 17.88 -5.67 6.85
CA ALA A 56 16.51 -5.58 7.36
C ALA A 56 16.00 -4.15 7.30
N HIS A 57 16.84 -3.18 7.67
N HIS A 57 16.85 -3.19 7.69
CA HIS A 57 16.44 -1.78 7.64
CA HIS A 57 16.48 -1.78 7.64
C HIS A 57 16.14 -1.32 6.22
C HIS A 57 16.11 -1.35 6.22
N GLN A 58 16.85 -1.86 5.22
CA GLN A 58 16.59 -1.49 3.83
C GLN A 58 15.24 -2.05 3.36
N SER A 59 14.98 -3.33 3.60
N SER A 59 14.99 -3.33 3.61
CA SER A 59 13.71 -3.89 3.17
CA SER A 59 13.72 -3.94 3.22
C SER A 59 12.54 -3.22 3.90
C SER A 59 12.56 -3.22 3.90
N ASP A 60 12.75 -2.78 5.15
CA ASP A 60 11.70 -2.07 5.86
C ASP A 60 11.44 -0.69 5.28
N ARG A 61 12.51 0.06 4.97
CA ARG A 61 12.34 1.31 4.22
C ARG A 61 11.50 1.07 2.97
N LEU A 62 11.80 -0.01 2.26
N LEU A 62 11.82 0.00 2.25
CA LEU A 62 11.12 -0.30 1.02
CA LEU A 62 11.11 -0.31 1.01
C LEU A 62 9.64 -0.63 1.24
C LEU A 62 9.64 -0.58 1.28
N ASN A 63 9.35 -1.41 2.28
CA ASN A 63 7.96 -1.78 2.55
C ASN A 63 7.14 -0.59 2.99
N ASN A 64 7.70 0.24 3.87
CA ASN A 64 6.96 1.42 4.31
C ASN A 64 6.78 2.41 3.15
N ALA A 65 7.79 2.56 2.31
CA ALA A 65 7.65 3.50 1.19
C ALA A 65 6.55 3.08 0.24
N LEU A 66 6.50 1.80 -0.12
CA LEU A 66 5.44 1.36 -1.03
C LEU A 66 4.08 1.46 -0.37
N LEU A 67 3.98 1.07 0.91
CA LEU A 67 2.68 1.16 1.58
C LEU A 67 2.19 2.59 1.62
N MET A 68 3.06 3.53 1.99
CA MET A 68 2.61 4.92 2.07
C MET A 68 2.35 5.49 0.68
N ALA A 69 3.07 5.03 -0.34
CA ALA A 69 2.82 5.52 -1.68
C ALA A 69 1.43 5.12 -2.15
N ILE A 70 1.00 3.88 -1.84
CA ILE A 70 -0.32 3.47 -2.30
C ILE A 70 -1.38 4.13 -1.43
N ARG A 71 -1.09 4.35 -0.15
CA ARG A 71 -2.02 5.09 0.70
C ARG A 71 -2.21 6.51 0.16
N SER A 72 -1.14 7.11 -0.36
CA SER A 72 -1.26 8.45 -0.94
C SER A 72 -2.29 8.45 -2.07
N SER A 73 -2.27 7.41 -2.91
N SER A 73 -2.25 7.44 -2.93
CA SER A 73 -3.24 7.31 -4.00
CA SER A 73 -3.24 7.31 -4.00
C SER A 73 -4.65 7.10 -3.49
C SER A 73 -4.64 7.18 -3.42
N ALA A 74 -4.79 6.30 -2.43
CA ALA A 74 -6.10 6.06 -1.84
C ALA A 74 -6.69 7.33 -1.28
N ASN A 75 -5.85 8.22 -0.75
CA ASN A 75 -6.33 9.49 -0.24
C ASN A 75 -6.74 10.45 -1.35
N VAL A 76 -5.99 10.50 -2.45
CA VAL A 76 -6.37 11.47 -3.48
C VAL A 76 -7.65 11.03 -4.18
N SER A 77 -7.77 9.73 -4.47
CA SER A 77 -8.97 9.26 -5.18
C SER A 77 -10.19 9.36 -4.28
N SER A 78 -10.09 8.86 -3.05
CA SER A 78 -11.24 8.97 -2.17
C SER A 78 -11.52 10.43 -1.81
N GLY A 79 -10.46 11.26 -1.74
CA GLY A 79 -10.67 12.70 -1.51
C GLY A 79 -11.42 13.37 -2.65
N PHE A 80 -11.12 12.99 -3.89
CA PHE A 80 -11.88 13.49 -5.03
C PHE A 80 -13.36 13.12 -4.90
N ILE A 81 -13.64 11.87 -4.48
CA ILE A 81 -15.04 11.47 -4.32
C ILE A 81 -15.70 12.29 -3.22
N GLU A 82 -14.98 12.52 -2.13
CA GLU A 82 -15.54 13.33 -1.04
C GLU A 82 -15.82 14.75 -1.49
N GLN A 83 -14.91 15.36 -2.25
N GLN A 83 -14.89 15.35 -2.25
CA GLN A 83 -15.17 16.71 -2.71
CA GLN A 83 -15.05 16.69 -2.81
C GLN A 83 -16.39 16.76 -3.61
C GLN A 83 -16.30 16.78 -3.67
N LEU A 84 -16.52 15.77 -4.52
CA LEU A 84 -17.68 15.77 -5.41
C LEU A 84 -18.98 15.60 -4.65
N GLY A 85 -18.93 14.98 -3.48
CA GLY A 85 -20.08 14.88 -2.62
C GLY A 85 -20.31 16.07 -1.72
N GLY A 86 -19.50 17.13 -1.83
CA GLY A 86 -19.69 18.32 -1.04
C GLY A 86 -18.96 18.34 0.28
N HIS A 87 -18.08 17.37 0.53
CA HIS A 87 -17.34 17.28 1.78
C HIS A 87 -15.95 17.87 1.59
N ASP A 88 -15.97 19.21 1.42
N ASP A 88 -15.91 19.19 1.37
CA ASP A 88 -14.76 19.95 1.05
CA ASP A 88 -14.61 19.75 0.98
C ASP A 88 -13.69 19.88 2.13
C ASP A 88 -13.63 19.89 2.15
N GLU A 89 -14.10 19.94 3.40
CA GLU A 89 -13.14 19.93 4.49
C GLU A 89 -12.41 18.60 4.56
N SER A 90 -13.17 17.50 4.54
CA SER A 90 -12.52 16.19 4.55
C SER A 90 -11.61 16.02 3.33
N ALA A 91 -12.04 16.48 2.15
CA ALA A 91 -11.22 16.32 0.96
C ALA A 91 -9.91 17.08 1.08
N GLY A 92 -9.95 18.28 1.68
CA GLY A 92 -8.74 19.02 1.95
C GLY A 92 -7.78 18.29 2.87
N LYS A 93 -8.30 17.69 3.94
CA LYS A 93 -7.44 16.87 4.78
C LYS A 93 -6.82 15.73 4.01
N ARG A 94 -7.59 15.10 3.11
CA ARG A 94 -7.04 13.99 2.35
C ARG A 94 -6.01 14.47 1.34
N MET A 95 -6.16 15.67 0.77
CA MET A 95 -5.09 16.18 -0.09
C MET A 95 -3.81 16.37 0.72
N ALA A 96 -3.92 16.94 1.91
CA ALA A 96 -2.75 17.12 2.75
C ALA A 96 -2.13 15.78 3.11
N LEU A 97 -2.94 14.78 3.42
CA LEU A 97 -2.38 13.49 3.79
C LEU A 97 -1.73 12.83 2.59
N SER A 98 -2.28 13.02 1.40
CA SER A 98 -1.63 12.46 0.21
C SER A 98 -0.25 13.08 0.00
N VAL A 99 -0.14 14.39 0.20
CA VAL A 99 1.16 15.06 0.12
C VAL A 99 2.10 14.49 1.18
N GLU A 100 1.63 14.38 2.42
CA GLU A 100 2.50 13.94 3.50
C GLU A 100 3.04 12.55 3.22
N LEU A 101 2.14 11.66 2.81
CA LEU A 101 2.48 10.26 2.58
C LEU A 101 3.49 10.11 1.46
N ASN A 102 3.29 10.81 0.35
CA ASN A 102 4.27 10.67 -0.72
C ASN A 102 5.60 11.36 -0.39
N ASN A 103 5.58 12.43 0.43
CA ASN A 103 6.84 13.02 0.87
C ASN A 103 7.60 12.06 1.78
N LYS A 104 6.89 11.40 2.69
CA LYS A 104 7.57 10.41 3.54
C LYS A 104 8.12 9.27 2.71
N SER A 105 7.35 8.79 1.73
CA SER A 105 7.83 7.74 0.85
C SER A 105 9.06 8.18 0.08
N GLN A 106 9.03 9.40 -0.46
CA GLN A 106 10.18 9.89 -1.21
C GLN A 106 11.43 9.90 -0.34
N ALA A 107 11.31 10.37 0.91
CA ALA A 107 12.48 10.40 1.79
C ALA A 107 12.99 9.00 2.07
N LEU A 108 12.10 8.03 2.20
CA LEU A 108 12.56 6.64 2.37
C LEU A 108 13.21 6.11 1.11
N VAL A 109 12.66 6.43 -0.06
CA VAL A 109 13.28 5.97 -1.31
C VAL A 109 14.66 6.57 -1.46
N ASP A 110 14.80 7.87 -1.16
CA ASP A 110 16.11 8.51 -1.28
C ASP A 110 17.11 7.86 -0.33
N GLU A 111 16.70 7.57 0.90
CA GLU A 111 17.59 6.93 1.86
C GLU A 111 17.93 5.51 1.43
N PHE A 112 16.96 4.80 0.84
CA PHE A 112 17.23 3.46 0.35
C PHE A 112 18.31 3.47 -0.72
N VAL A 113 18.20 4.39 -1.68
CA VAL A 113 19.18 4.45 -2.76
C VAL A 113 20.55 4.81 -2.22
N GLU A 114 20.62 5.74 -1.27
CA GLU A 114 21.91 6.13 -0.70
C GLU A 114 22.61 4.96 -0.04
N ASN A 115 21.85 3.97 0.45
CA ASN A 115 22.40 2.83 1.17
C ASN A 115 22.51 1.59 0.31
N ALA A 116 22.05 1.64 -0.94
CA ALA A 116 22.11 0.48 -1.84
C ALA A 116 23.34 0.61 -2.74
N ARG A 117 24.50 0.34 -2.14
N ARG A 117 24.48 0.34 -2.14
CA ARG A 117 25.76 0.54 -2.83
CA ARG A 117 25.77 0.54 -2.81
C ARG A 117 26.18 -0.66 -3.67
C ARG A 117 26.20 -0.64 -3.65
N GLU A 118 25.80 -1.87 -3.26
N GLU A 118 25.85 -1.86 -3.26
CA GLU A 118 26.25 -3.07 -3.95
CA GLU A 118 26.34 -3.03 -3.96
C GLU A 118 25.68 -3.10 -5.37
C GLU A 118 25.71 -3.10 -5.35
N PRO A 119 26.48 -3.49 -6.37
CA PRO A 119 25.96 -3.49 -7.75
C PRO A 119 24.76 -4.39 -7.98
N ALA A 120 24.62 -5.45 -7.17
CA ALA A 120 23.41 -6.28 -7.28
C ALA A 120 22.15 -5.49 -6.98
N LEU A 121 22.25 -4.37 -6.25
N LEU A 121 22.28 -4.36 -6.27
CA LEU A 121 21.11 -3.58 -5.83
CA LEU A 121 21.15 -3.58 -5.79
C LEU A 121 21.01 -2.21 -6.48
C LEU A 121 21.04 -2.20 -6.43
N ARG A 122 22.14 -1.64 -6.94
CA ARG A 122 22.13 -0.21 -7.29
C ARG A 122 21.34 0.06 -8.55
N GLY A 123 21.41 -0.82 -9.55
CA GLY A 123 20.61 -0.63 -10.75
C GLY A 123 19.12 -0.67 -10.48
N LEU A 124 18.67 -1.67 -9.71
CA LEU A 124 17.27 -1.70 -9.31
C LEU A 124 16.90 -0.48 -8.48
N ALA A 125 17.80 -0.04 -7.60
CA ALA A 125 17.49 1.05 -6.69
C ALA A 125 17.33 2.37 -7.44
N THR A 126 18.17 2.66 -8.43
CA THR A 126 18.00 3.90 -9.16
C THR A 126 16.77 3.85 -10.06
N GLU A 127 16.39 2.66 -10.55
CA GLU A 127 15.13 2.53 -11.26
C GLU A 127 13.95 2.81 -10.34
N LEU A 128 13.97 2.26 -9.12
CA LEU A 128 12.92 2.56 -8.16
C LEU A 128 12.81 4.06 -7.95
N GLN A 129 13.95 4.74 -7.81
CA GLN A 129 13.95 6.17 -7.58
C GLN A 129 13.36 6.93 -8.77
N ALA A 130 13.82 6.61 -9.98
CA ALA A 130 13.30 7.29 -11.18
C ALA A 130 11.82 6.99 -11.37
N THR A 131 11.40 5.76 -11.09
CA THR A 131 9.99 5.42 -11.21
C THR A 131 9.15 6.11 -10.15
N PHE A 132 9.69 6.27 -8.94
CA PHE A 132 8.92 6.99 -7.92
C PHE A 132 8.71 8.44 -8.31
N ALA A 133 9.71 9.05 -8.94
CA ALA A 133 9.56 10.43 -9.39
C ALA A 133 8.41 10.57 -10.36
N GLU A 134 8.27 9.61 -11.28
CA GLU A 134 7.12 9.61 -12.19
C GLU A 134 5.82 9.48 -11.42
N TYR A 135 5.77 8.54 -10.46
CA TYR A 135 4.58 8.32 -9.67
C TYR A 135 4.19 9.57 -8.89
N ALA A 136 5.16 10.17 -8.20
CA ALA A 136 4.86 11.32 -7.35
C ALA A 136 4.33 12.49 -8.17
N LYS A 137 4.86 12.67 -9.39
N LYS A 137 4.87 12.68 -9.37
CA LYS A 137 4.40 13.77 -10.24
CA LYS A 137 4.39 13.77 -10.23
C LYS A 137 2.97 13.53 -10.71
C LYS A 137 2.94 13.53 -10.66
N ALA A 138 2.60 12.27 -10.97
CA ALA A 138 1.25 11.98 -11.41
C ALA A 138 0.24 12.15 -10.28
N VAL A 139 0.59 11.70 -9.08
CA VAL A 139 -0.31 11.87 -7.93
C VAL A 139 -0.50 13.35 -7.63
N ALA A 140 0.58 14.15 -7.76
CA ALA A 140 0.42 15.59 -7.61
C ALA A 140 -0.55 16.14 -8.65
N GLY A 141 -0.49 15.62 -9.88
CA GLY A 141 -1.45 16.02 -10.88
C GLY A 141 -2.87 15.63 -10.50
N GLN A 142 -3.03 14.47 -9.86
CA GLN A 142 -4.35 14.06 -9.40
C GLN A 142 -4.86 14.97 -8.29
N ARG A 143 -3.99 15.41 -7.38
CA ARG A 143 -4.44 16.34 -6.34
C ARG A 143 -4.86 17.67 -6.94
N GLU A 144 -4.10 18.20 -7.89
CA GLU A 144 -4.49 19.49 -8.43
C GLU A 144 -5.79 19.39 -9.22
N ALA A 145 -5.99 18.26 -9.92
CA ALA A 145 -7.27 18.03 -10.58
C ALA A 145 -8.42 18.00 -9.56
N THR A 146 -8.19 17.41 -8.40
CA THR A 146 -9.20 17.41 -7.34
C THR A 146 -9.52 18.82 -6.88
N ARG A 147 -8.48 19.61 -6.57
CA ARG A 147 -8.70 21.00 -6.16
C ARG A 147 -9.46 21.79 -7.21
N GLN A 148 -9.26 21.49 -8.47
CA GLN A 148 -10.00 22.12 -9.54
C GLN A 148 -11.30 21.44 -9.88
N ARG A 149 -11.62 20.37 -9.22
CA ARG A 149 -12.87 19.65 -9.43
C ARG A 149 -13.01 19.16 -10.86
N SER A 150 -11.91 18.67 -11.44
CA SER A 150 -11.86 18.37 -12.88
C SER A 150 -11.65 16.89 -13.11
N LEU A 151 -12.71 16.20 -13.53
CA LEU A 151 -12.56 14.81 -13.96
C LEU A 151 -11.60 14.69 -15.13
N GLU A 152 -11.69 15.63 -16.08
N GLU A 152 -11.68 15.64 -16.07
CA GLU A 152 -10.82 15.54 -17.26
CA GLU A 152 -10.85 15.59 -17.27
C GLU A 152 -9.36 15.68 -16.88
C GLU A 152 -9.37 15.70 -16.90
N GLN A 153 -9.03 16.65 -16.01
CA GLN A 153 -7.66 16.75 -15.51
C GLN A 153 -7.26 15.50 -14.74
N TYR A 154 -8.20 14.92 -13.99
CA TYR A 154 -7.88 13.73 -13.22
C TYR A 154 -7.50 12.57 -14.12
N PHE A 155 -8.31 12.32 -15.15
CA PHE A 155 -8.03 11.19 -16.05
C PHE A 155 -6.75 11.43 -16.84
N LYS A 156 -6.43 12.69 -17.14
N LYS A 156 -6.43 12.70 -17.11
CA LYS A 156 -5.25 12.98 -17.95
CA LYS A 156 -5.26 13.03 -17.92
C LYS A 156 -3.98 12.41 -17.33
C LYS A 156 -3.97 12.48 -17.33
N VAL A 157 -3.90 12.36 -16.00
CA VAL A 157 -2.71 11.85 -15.32
C VAL A 157 -2.96 10.52 -14.61
N ASN A 158 -4.20 10.06 -14.53
CA ASN A 158 -4.48 8.87 -13.73
C ASN A 158 -3.78 7.64 -14.31
N SER A 159 -3.56 7.61 -15.62
CA SER A 159 -2.85 6.49 -16.23
C SER A 159 -1.36 6.56 -15.93
N ASP A 160 -0.78 7.75 -15.95
CA ASP A 160 0.63 7.90 -15.54
C ASP A 160 0.85 7.33 -14.15
N ALA A 161 -0.08 7.61 -13.22
CA ALA A 161 0.10 7.14 -11.85
C ALA A 161 0.04 5.63 -11.78
N GLY A 162 -0.97 5.03 -12.42
CA GLY A 162 -1.13 3.59 -12.36
C GLY A 162 0.00 2.85 -13.03
N ASN A 163 0.51 3.38 -14.13
N ASN A 163 0.51 3.39 -14.14
CA ASN A 163 1.63 2.71 -14.80
CA ASN A 163 1.62 2.76 -14.83
C ASN A 163 2.89 2.78 -13.95
C ASN A 163 2.88 2.79 -13.96
N ALA A 164 3.17 3.95 -13.37
CA ALA A 164 4.33 4.05 -12.49
C ALA A 164 4.16 3.17 -11.24
N MET A 165 2.96 3.15 -10.65
CA MET A 165 2.78 2.32 -9.46
C MET A 165 2.98 0.84 -9.78
N GLY A 166 2.53 0.39 -10.96
CA GLY A 166 2.75 -1.00 -11.32
C GLY A 166 4.21 -1.35 -11.41
N ARG A 167 5.02 -0.45 -11.96
CA ARG A 167 6.45 -0.68 -12.04
C ARG A 167 7.11 -0.59 -10.67
N LEU A 168 6.62 0.30 -9.79
CA LEU A 168 7.15 0.40 -8.44
C LEU A 168 6.98 -0.90 -7.67
N GLN A 169 5.81 -1.53 -7.82
N GLN A 169 5.83 -1.56 -7.85
CA GLN A 169 5.56 -2.79 -7.12
CA GLN A 169 5.57 -2.78 -7.10
C GLN A 169 6.55 -3.86 -7.57
C GLN A 169 6.46 -3.93 -7.57
N THR A 170 6.72 -4.03 -8.88
CA THR A 170 7.62 -5.05 -9.38
C THR A 170 9.05 -4.80 -8.92
N LEU A 171 9.48 -3.53 -8.94
CA LEU A 171 10.81 -3.19 -8.46
C LEU A 171 10.97 -3.49 -7.00
N ARG A 172 9.93 -3.21 -6.18
CA ARG A 172 10.03 -3.59 -4.77
C ARG A 172 10.27 -5.10 -4.65
N GLN A 173 9.52 -5.89 -5.41
CA GLN A 173 9.66 -7.33 -5.33
C GLN A 173 11.09 -7.77 -5.64
N GLN A 174 11.65 -7.24 -6.72
CA GLN A 174 13.02 -7.58 -7.09
C GLN A 174 14.00 -7.15 -6.02
N LEU A 175 13.78 -5.98 -5.42
CA LEU A 175 14.70 -5.52 -4.39
C LEU A 175 14.57 -6.36 -3.13
N VAL A 176 13.34 -6.73 -2.74
CA VAL A 176 13.17 -7.55 -1.54
C VAL A 176 13.89 -8.88 -1.70
N THR A 177 13.69 -9.52 -2.85
CA THR A 177 14.35 -10.79 -3.09
C THR A 177 15.87 -10.64 -3.11
N THR A 178 16.36 -9.57 -3.72
CA THR A 178 17.81 -9.38 -3.78
C THR A 178 18.39 -9.06 -2.41
N LEU A 179 17.66 -8.30 -1.59
CA LEU A 179 18.12 -8.06 -0.22
C LEU A 179 18.12 -9.33 0.60
N SER A 180 17.08 -10.16 0.43
CA SER A 180 17.01 -11.41 1.17
C SER A 180 18.12 -12.37 0.75
N GLU A 181 18.44 -12.38 -0.55
CA GLU A 181 19.56 -13.18 -1.04
C GLU A 181 20.87 -12.76 -0.37
N ARG A 182 21.09 -11.46 -0.23
CA ARG A 182 22.33 -11.01 0.41
C ARG A 182 22.37 -11.39 1.88
N GLY A 183 21.24 -11.25 2.59
CA GLY A 183 21.20 -11.70 3.97
C GLY A 183 21.50 -13.18 4.14
N GLN A 184 21.02 -14.01 3.19
N GLN A 184 21.03 -14.01 3.19
CA GLN A 184 21.28 -15.44 3.28
CA GLN A 184 21.26 -15.44 3.26
C GLN A 184 22.71 -15.78 2.87
C GLN A 184 22.68 -15.80 2.83
N GLN A 185 23.26 -15.04 1.90
CA GLN A 185 24.65 -15.26 1.52
C GLN A 185 25.57 -15.06 2.71
N ILE A 186 25.32 -14.00 3.49
CA ILE A 186 26.11 -13.76 4.71
C ILE A 186 26.04 -14.96 5.64
N MET A 187 24.84 -15.47 5.88
CA MET A 187 24.68 -16.60 6.79
C MET A 187 25.33 -17.86 6.21
N LEU A 188 25.29 -18.03 4.89
CA LEU A 188 25.97 -19.15 4.26
C LEU A 188 27.48 -18.98 4.34
N THR B 50 15.19 -23.31 10.83
CA THR B 50 13.79 -23.62 10.52
C THR B 50 12.86 -22.52 11.07
N GLU B 51 13.13 -22.05 12.28
CA GLU B 51 12.41 -20.89 12.79
C GLU B 51 12.57 -19.70 11.86
N LEU B 52 13.75 -19.55 11.26
CA LEU B 52 14.02 -18.36 10.45
C LEU B 52 13.31 -18.41 9.11
N ASP B 53 13.15 -19.59 8.51
N ASP B 53 13.17 -19.59 8.49
CA ASP B 53 12.37 -19.69 7.28
CA ASP B 53 12.43 -19.66 7.23
C ASP B 53 10.90 -19.40 7.53
C ASP B 53 10.95 -19.43 7.46
N GLN B 54 10.38 -19.78 8.70
N GLN B 54 10.44 -19.75 8.66
CA GLN B 54 9.03 -19.39 9.09
CA GLN B 54 9.07 -19.39 9.01
C GLN B 54 8.92 -17.87 9.19
C GLN B 54 8.92 -17.88 9.20
N THR B 55 9.98 -17.21 9.66
CA THR B 55 9.94 -15.76 9.80
C THR B 55 9.79 -15.08 8.44
N ALA B 56 10.56 -15.52 7.44
CA ALA B 56 10.45 -14.94 6.11
C ALA B 56 9.06 -15.16 5.52
N HIS B 57 8.49 -16.35 5.72
CA HIS B 57 7.13 -16.59 5.23
C HIS B 57 6.13 -15.68 5.93
N GLN B 58 6.29 -15.51 7.25
CA GLN B 58 5.42 -14.59 7.97
C GLN B 58 5.58 -13.17 7.45
N SER B 59 6.82 -12.76 7.14
CA SER B 59 7.01 -11.40 6.66
C SER B 59 6.40 -11.20 5.29
N ASP B 60 6.58 -12.18 4.39
CA ASP B 60 5.91 -12.06 3.10
C ASP B 60 4.39 -11.97 3.26
N ARG B 61 3.82 -12.81 4.13
CA ARG B 61 2.37 -12.76 4.34
C ARG B 61 1.93 -11.38 4.83
N LEU B 62 2.65 -10.84 5.81
CA LEU B 62 2.23 -9.57 6.42
C LEU B 62 2.34 -8.44 5.41
N ASN B 63 3.50 -8.33 4.76
CA ASN B 63 3.71 -7.23 3.83
C ASN B 63 2.80 -7.33 2.62
N ASN B 64 2.67 -8.52 2.05
CA ASN B 64 1.78 -8.65 0.90
C ASN B 64 0.33 -8.40 1.29
N ALA B 65 -0.09 -8.89 2.46
CA ALA B 65 -1.47 -8.66 2.88
C ALA B 65 -1.79 -7.18 2.93
N LEU B 66 -0.89 -6.40 3.51
CA LEU B 66 -1.21 -4.98 3.68
C LEU B 66 -1.13 -4.23 2.35
N LEU B 67 -0.13 -4.56 1.51
CA LEU B 67 -0.06 -3.91 0.20
C LEU B 67 -1.28 -4.24 -0.62
N MET B 68 -1.72 -5.51 -0.62
CA MET B 68 -2.90 -5.85 -1.41
C MET B 68 -4.16 -5.19 -0.83
N ALA B 69 -4.23 -5.09 0.49
CA ALA B 69 -5.42 -4.47 1.09
C ALA B 69 -5.56 -3.01 0.70
N ILE B 70 -4.47 -2.22 0.77
CA ILE B 70 -4.62 -0.82 0.39
C ILE B 70 -4.87 -0.69 -1.10
N ARG B 71 -4.25 -1.57 -1.92
CA ARG B 71 -4.54 -1.57 -3.33
C ARG B 71 -6.01 -1.88 -3.60
N SER B 72 -6.62 -2.74 -2.78
N SER B 72 -6.65 -2.70 -2.75
CA SER B 72 -8.04 -3.03 -2.97
CA SER B 72 -8.05 -3.05 -2.97
C SER B 72 -8.88 -1.77 -2.86
C SER B 72 -8.97 -1.84 -2.76
N SER B 73 -8.60 -0.92 -1.86
CA SER B 73 -9.35 0.32 -1.69
C SER B 73 -9.02 1.33 -2.77
N ALA B 74 -7.74 1.47 -3.10
CA ALA B 74 -7.36 2.38 -4.17
C ALA B 74 -8.09 2.01 -5.47
N ASN B 75 -8.24 0.71 -5.74
CA ASN B 75 -8.92 0.32 -6.97
C ASN B 75 -10.40 0.66 -6.96
N VAL B 76 -11.10 0.48 -5.83
N VAL B 76 -11.09 0.47 -5.84
CA VAL B 76 -12.52 0.76 -5.86
CA VAL B 76 -12.51 0.78 -5.80
C VAL B 76 -12.77 2.26 -5.92
C VAL B 76 -12.72 2.27 -5.97
N SER B 77 -11.93 3.07 -5.25
CA SER B 77 -12.05 4.52 -5.39
C SER B 77 -11.81 4.94 -6.83
N SER B 78 -10.73 4.43 -7.44
CA SER B 78 -10.47 4.71 -8.85
C SER B 78 -11.64 4.29 -9.72
N GLY B 79 -12.24 3.14 -9.42
CA GLY B 79 -13.36 2.67 -10.23
C GLY B 79 -14.59 3.56 -10.08
N PHE B 80 -14.87 4.01 -8.86
CA PHE B 80 -15.94 4.99 -8.65
C PHE B 80 -15.74 6.22 -9.54
N ILE B 81 -14.53 6.75 -9.58
CA ILE B 81 -14.27 7.92 -10.41
C ILE B 81 -14.46 7.58 -11.89
N GLU B 82 -14.02 6.39 -12.30
CA GLU B 82 -14.24 6.00 -13.69
C GLU B 82 -15.73 5.96 -14.03
N GLN B 83 -16.55 5.40 -13.14
CA GLN B 83 -18.00 5.42 -13.33
C GLN B 83 -18.51 6.85 -13.47
N LEU B 84 -18.02 7.77 -12.64
CA LEU B 84 -18.42 9.16 -12.74
C LEU B 84 -18.15 9.72 -14.12
N GLY B 85 -17.03 9.32 -14.72
CA GLY B 85 -16.69 9.81 -16.05
C GLY B 85 -17.28 9.02 -17.19
N GLY B 86 -18.11 8.02 -16.91
CA GLY B 86 -18.70 7.19 -17.96
C GLY B 86 -17.78 6.13 -18.48
N HIS B 87 -16.67 5.88 -17.81
CA HIS B 87 -15.74 4.83 -18.22
C HIS B 87 -16.21 3.50 -17.63
N ASP B 88 -17.38 3.06 -18.08
CA ASP B 88 -18.07 2.04 -17.32
C ASP B 88 -17.45 0.66 -17.52
N GLU B 89 -16.99 0.35 -18.74
N GLU B 89 -16.90 0.36 -18.70
CA GLU B 89 -16.33 -0.94 -18.94
CA GLU B 89 -16.15 -0.89 -18.83
C GLU B 89 -14.98 -0.98 -18.25
C GLU B 89 -14.88 -0.84 -17.99
N SER B 90 -14.30 0.17 -18.16
N SER B 90 -14.08 0.21 -18.15
CA SER B 90 -13.04 0.23 -17.44
CA SER B 90 -12.87 0.35 -17.36
C SER B 90 -13.25 0.11 -15.94
C SER B 90 -13.16 0.21 -15.87
N ALA B 91 -14.29 0.76 -15.41
CA ALA B 91 -14.58 0.69 -13.98
C ALA B 91 -14.80 -0.74 -13.51
N GLY B 92 -15.30 -1.63 -14.38
CA GLY B 92 -15.54 -3.00 -13.96
C GLY B 92 -14.25 -3.75 -13.66
N LYS B 93 -13.17 -3.42 -14.36
N LYS B 93 -13.17 -3.45 -14.38
CA LYS B 93 -11.89 -4.04 -14.08
CA LYS B 93 -11.89 -4.07 -14.05
C LYS B 93 -11.36 -3.62 -12.72
C LYS B 93 -11.44 -3.65 -12.66
N ARG B 94 -11.61 -2.37 -12.33
CA ARG B 94 -11.19 -1.90 -11.02
C ARG B 94 -11.97 -2.60 -9.92
N MET B 95 -13.27 -2.76 -10.12
N MET B 95 -13.29 -2.75 -10.11
CA MET B 95 -14.09 -3.44 -9.12
CA MET B 95 -14.11 -3.45 -9.12
C MET B 95 -13.68 -4.89 -8.95
C MET B 95 -13.62 -4.88 -8.95
N ALA B 96 -13.43 -5.58 -10.07
CA ALA B 96 -13.01 -6.98 -10.01
C ALA B 96 -11.68 -7.13 -9.27
N LEU B 97 -10.74 -6.21 -9.53
N LEU B 97 -10.74 -6.21 -9.54
CA LEU B 97 -9.45 -6.28 -8.84
CA LEU B 97 -9.45 -6.24 -8.86
C LEU B 97 -9.59 -5.99 -7.36
C LEU B 97 -9.61 -6.00 -7.37
N SER B 98 -10.47 -5.06 -6.99
CA SER B 98 -10.71 -4.79 -5.57
C SER B 98 -11.21 -6.05 -4.88
N VAL B 99 -12.15 -6.76 -5.51
CA VAL B 99 -12.67 -7.99 -4.94
C VAL B 99 -11.55 -9.03 -4.79
N GLU B 100 -10.76 -9.21 -5.85
CA GLU B 100 -9.72 -10.23 -5.82
C GLU B 100 -8.68 -9.91 -4.76
N LEU B 101 -8.28 -8.64 -4.68
CA LEU B 101 -7.26 -8.26 -3.71
C LEU B 101 -7.77 -8.39 -2.29
N ASN B 102 -9.05 -8.09 -2.05
CA ASN B 102 -9.64 -8.38 -0.74
C ASN B 102 -9.50 -9.86 -0.40
N ASN B 103 -9.88 -10.73 -1.33
CA ASN B 103 -9.84 -12.16 -1.05
C ASN B 103 -8.41 -12.62 -0.77
N LYS B 104 -7.46 -12.18 -1.59
N LYS B 104 -7.46 -12.17 -1.57
CA LYS B 104 -6.10 -12.67 -1.44
CA LYS B 104 -6.09 -12.62 -1.40
C LYS B 104 -5.45 -12.12 -0.18
C LYS B 104 -5.45 -12.04 -0.15
N SER B 105 -5.68 -10.84 0.13
N SER B 105 -5.70 -10.76 0.13
CA SER B 105 -5.09 -10.27 1.33
CA SER B 105 -5.15 -10.15 1.34
C SER B 105 -5.70 -10.89 2.58
C SER B 105 -5.71 -10.82 2.60
N GLN B 106 -7.01 -11.13 2.59
CA GLN B 106 -7.63 -11.78 3.75
C GLN B 106 -7.02 -13.15 4.00
N ALA B 107 -6.79 -13.90 2.91
CA ALA B 107 -6.21 -15.23 3.07
C ALA B 107 -4.82 -15.14 3.70
N LEU B 108 -4.05 -14.12 3.34
CA LEU B 108 -2.70 -14.00 3.89
C LEU B 108 -2.74 -13.59 5.36
N VAL B 109 -3.63 -12.65 5.74
CA VAL B 109 -3.79 -12.31 7.16
C VAL B 109 -4.16 -13.55 7.96
N ASP B 110 -5.10 -14.34 7.43
CA ASP B 110 -5.52 -15.56 8.12
C ASP B 110 -4.32 -16.48 8.33
N GLU B 111 -3.46 -16.61 7.31
CA GLU B 111 -2.28 -17.46 7.44
C GLU B 111 -1.31 -16.89 8.46
N PHE B 112 -1.10 -15.57 8.41
CA PHE B 112 -0.19 -14.95 9.36
C PHE B 112 -0.64 -15.23 10.78
N VAL B 113 -1.93 -15.06 11.06
CA VAL B 113 -2.42 -15.23 12.43
C VAL B 113 -2.35 -16.68 12.83
N GLU B 114 -2.68 -17.59 11.91
CA GLU B 114 -2.60 -19.01 12.21
C GLU B 114 -1.18 -19.42 12.60
N ASN B 115 -0.18 -18.77 12.01
CA ASN B 115 1.21 -19.12 12.21
C ASN B 115 1.91 -18.28 13.27
N ALA B 116 1.22 -17.31 13.87
CA ALA B 116 1.84 -16.45 14.87
C ALA B 116 1.47 -16.95 16.26
N ARG B 117 2.08 -18.08 16.62
N ARG B 117 2.06 -18.10 16.61
CA ARG B 117 1.76 -18.75 17.88
CA ARG B 117 1.72 -18.79 17.84
C ARG B 117 2.66 -18.36 19.03
C ARG B 117 2.63 -18.44 19.01
N GLU B 118 3.83 -17.79 18.75
N GLU B 118 3.77 -17.81 18.75
CA GLU B 118 4.76 -17.43 19.82
CA GLU B 118 4.70 -17.50 19.83
C GLU B 118 4.09 -16.48 20.79
C GLU B 118 4.03 -16.52 20.80
N PRO B 119 4.31 -16.64 22.10
CA PRO B 119 3.61 -15.79 23.08
C PRO B 119 3.79 -14.30 22.85
N ALA B 120 4.97 -13.86 22.39
CA ALA B 120 5.18 -12.45 22.14
C ALA B 120 4.30 -11.92 21.00
N LEU B 121 3.78 -12.81 20.14
CA LEU B 121 3.06 -12.35 18.97
C LEU B 121 1.55 -12.52 19.04
N ARG B 122 1.06 -13.36 19.96
N ARG B 122 1.03 -13.35 19.96
CA ARG B 122 -0.35 -13.77 19.93
CA ARG B 122 -0.38 -13.76 19.86
C ARG B 122 -1.28 -12.57 20.04
C ARG B 122 -1.32 -12.59 20.06
N GLY B 123 -1.05 -11.72 21.03
CA GLY B 123 -1.91 -10.56 21.22
C GLY B 123 -1.87 -9.60 20.03
N LEU B 124 -0.67 -9.27 19.56
CA LEU B 124 -0.55 -8.36 18.43
C LEU B 124 -1.15 -8.96 17.17
N ALA B 125 -1.00 -10.27 16.96
CA ALA B 125 -1.57 -10.90 15.78
C ALA B 125 -3.09 -10.90 15.82
N THR B 126 -3.68 -11.05 17.00
CA THR B 126 -5.13 -10.94 17.08
C THR B 126 -5.58 -9.49 16.90
N GLU B 127 -4.80 -8.54 17.39
CA GLU B 127 -5.07 -7.15 17.10
C GLU B 127 -5.04 -6.89 15.60
N LEU B 128 -4.06 -7.48 14.90
CA LEU B 128 -4.02 -7.36 13.44
C LEU B 128 -5.26 -7.97 12.80
N GLN B 129 -5.65 -9.16 13.24
CA GLN B 129 -6.86 -9.79 12.71
C GLN B 129 -8.07 -8.87 12.84
N ALA B 130 -8.23 -8.25 14.00
CA ALA B 130 -9.40 -7.43 14.24
C ALA B 130 -9.35 -6.12 13.45
N THR B 131 -8.21 -5.43 13.49
CA THR B 131 -8.08 -4.18 12.75
C THR B 131 -8.19 -4.43 11.25
N PHE B 132 -7.62 -5.54 10.77
CA PHE B 132 -7.76 -5.87 9.35
C PHE B 132 -9.22 -6.13 8.98
N ALA B 133 -9.94 -6.84 9.84
CA ALA B 133 -11.35 -7.10 9.55
C ALA B 133 -12.13 -5.80 9.48
N GLU B 134 -11.79 -4.84 10.34
N GLU B 134 -11.83 -4.85 10.38
CA GLU B 134 -12.44 -3.54 10.34
CA GLU B 134 -12.45 -3.54 10.30
C GLU B 134 -12.15 -2.78 9.04
C GLU B 134 -12.19 -2.91 8.94
N TYR B 135 -10.92 -2.88 8.56
CA TYR B 135 -10.54 -2.27 7.28
C TYR B 135 -11.27 -2.95 6.13
N ALA B 136 -11.24 -4.29 6.08
CA ALA B 136 -11.91 -5.01 4.99
C ALA B 136 -13.40 -4.70 4.95
N LYS B 137 -14.04 -4.56 6.12
CA LYS B 137 -15.46 -4.21 6.14
C LYS B 137 -15.71 -2.84 5.55
N ALA B 138 -14.80 -1.88 5.81
CA ALA B 138 -14.95 -0.54 5.25
C ALA B 138 -14.78 -0.57 3.73
N VAL B 139 -13.82 -1.34 3.23
CA VAL B 139 -13.61 -1.41 1.77
C VAL B 139 -14.76 -2.15 1.10
N ALA B 140 -15.31 -3.17 1.76
CA ALA B 140 -16.56 -3.76 1.26
C ALA B 140 -17.66 -2.71 1.21
N GLY B 141 -17.69 -1.81 2.18
CA GLY B 141 -18.66 -0.71 2.13
C GLY B 141 -18.40 0.24 0.99
N GLN B 142 -17.13 0.45 0.65
CA GLN B 142 -16.80 1.28 -0.50
C GLN B 142 -17.28 0.62 -1.80
N ARG B 143 -17.10 -0.71 -1.91
CA ARG B 143 -17.60 -1.42 -3.10
C ARG B 143 -19.11 -1.30 -3.20
N GLU B 144 -19.82 -1.44 -2.09
CA GLU B 144 -21.28 -1.35 -2.18
C GLU B 144 -21.72 0.06 -2.53
N ALA B 145 -21.07 1.07 -1.98
CA ALA B 145 -21.37 2.44 -2.35
C ALA B 145 -21.11 2.67 -3.83
N THR B 146 -20.07 2.04 -4.36
CA THR B 146 -19.73 2.20 -5.77
C THR B 146 -20.77 1.52 -6.66
N ARG B 147 -21.22 0.33 -6.27
N ARG B 147 -21.22 0.32 -6.27
CA ARG B 147 -22.28 -0.34 -7.03
CA ARG B 147 -22.27 -0.32 -7.07
C ARG B 147 -23.56 0.46 -7.03
C ARG B 147 -23.55 0.50 -7.06
N GLN B 148 -23.85 1.18 -5.95
CA GLN B 148 -25.02 2.04 -5.86
C GLN B 148 -24.78 3.44 -6.41
N ARG B 149 -23.55 3.75 -6.83
CA ARG B 149 -23.15 5.04 -7.35
C ARG B 149 -23.55 6.18 -6.40
N SER B 150 -23.23 6.00 -5.12
CA SER B 150 -23.67 6.91 -4.07
C SER B 150 -22.47 7.64 -3.48
N LEU B 151 -22.37 8.94 -3.76
CA LEU B 151 -21.31 9.76 -3.17
C LEU B 151 -21.41 9.79 -1.65
N GLU B 152 -22.63 9.90 -1.10
CA GLU B 152 -22.77 10.00 0.34
C GLU B 152 -22.46 8.69 1.05
N GLN B 153 -22.87 7.54 0.49
CA GLN B 153 -22.49 6.27 1.08
C GLN B 153 -20.97 6.09 1.07
N TYR B 154 -20.29 6.58 0.02
CA TYR B 154 -18.84 6.46 -0.02
C TYR B 154 -18.21 7.28 1.09
N PHE B 155 -18.66 8.52 1.27
CA PHE B 155 -18.12 9.35 2.34
C PHE B 155 -18.31 8.69 3.70
N LYS B 156 -19.44 8.00 3.90
N LYS B 156 -19.47 8.08 3.93
CA LYS B 156 -19.80 7.50 5.22
CA LYS B 156 -19.76 7.50 5.24
C LYS B 156 -18.93 6.34 5.67
C LYS B 156 -18.68 6.50 5.64
N VAL B 157 -18.34 5.58 4.74
CA VAL B 157 -17.42 4.51 5.10
C VAL B 157 -15.96 4.88 4.91
N ASN B 158 -15.66 5.93 4.15
CA ASN B 158 -14.27 6.22 3.83
C ASN B 158 -13.47 6.61 5.07
N SER B 159 -14.10 7.28 6.04
N SER B 159 -14.11 7.29 6.03
CA SER B 159 -13.38 7.61 7.27
CA SER B 159 -13.43 7.63 7.27
C SER B 159 -13.00 6.36 8.04
C SER B 159 -13.01 6.36 8.02
N ASP B 160 -13.89 5.36 8.07
CA ASP B 160 -13.53 4.09 8.71
C ASP B 160 -12.35 3.45 8.01
N ALA B 161 -12.32 3.50 6.68
CA ALA B 161 -11.24 2.88 5.93
C ALA B 161 -9.91 3.56 6.21
N GLY B 162 -9.89 4.88 6.14
CA GLY B 162 -8.65 5.60 6.35
C GLY B 162 -8.12 5.44 7.77
N ASN B 163 -9.00 5.45 8.75
CA ASN B 163 -8.55 5.29 10.13
C ASN B 163 -8.01 3.88 10.38
N ALA B 164 -8.68 2.85 9.86
CA ALA B 164 -8.15 1.50 10.08
C ALA B 164 -6.82 1.29 9.39
N MET B 165 -6.65 1.82 8.16
CA MET B 165 -5.36 1.65 7.50
C MET B 165 -4.25 2.44 8.21
N GLY B 166 -4.56 3.62 8.73
CA GLY B 166 -3.57 4.32 9.55
C GLY B 166 -3.07 3.45 10.69
N ARG B 167 -3.99 2.72 11.35
CA ARG B 167 -3.58 1.81 12.41
C ARG B 167 -2.84 0.59 11.87
N LEU B 168 -3.25 0.05 10.71
CA LEU B 168 -2.52 -1.10 10.16
C LEU B 168 -1.05 -0.76 9.87
N GLN B 169 -0.79 0.47 9.41
CA GLN B 169 0.60 0.86 9.20
C GLN B 169 1.41 0.83 10.49
N THR B 170 0.86 1.39 11.59
CA THR B 170 1.63 1.38 12.82
C THR B 170 1.66 0.00 13.44
N LEU B 171 0.58 -0.77 13.32
CA LEU B 171 0.58 -2.14 13.81
C LEU B 171 1.58 -2.99 13.05
N ARG B 172 1.68 -2.81 11.72
N ARG B 172 1.67 -2.79 11.72
CA ARG B 172 2.68 -3.56 10.96
CA ARG B 172 2.66 -3.50 10.93
C ARG B 172 4.07 -3.33 11.54
C ARG B 172 4.06 -3.31 11.49
N GLN B 173 4.39 -2.08 11.87
CA GLN B 173 5.72 -1.79 12.41
C GLN B 173 5.93 -2.47 13.75
N GLN B 174 4.90 -2.55 14.59
CA GLN B 174 5.03 -3.28 15.83
C GLN B 174 5.29 -4.77 15.57
N LEU B 175 4.62 -5.33 14.57
CA LEU B 175 4.80 -6.74 14.23
C LEU B 175 6.20 -6.99 13.70
N VAL B 176 6.69 -6.10 12.82
CA VAL B 176 8.03 -6.26 12.28
C VAL B 176 9.07 -6.22 13.40
N THR B 177 8.90 -5.33 14.37
CA THR B 177 9.79 -5.30 15.52
C THR B 177 9.76 -6.63 16.28
N THR B 178 8.57 -7.17 16.51
CA THR B 178 8.48 -8.41 17.28
C THR B 178 9.00 -9.61 16.50
N LEU B 179 8.72 -9.66 15.20
CA LEU B 179 9.25 -10.75 14.38
C LEU B 179 10.79 -10.75 14.39
N SER B 180 11.39 -9.57 14.28
CA SER B 180 12.85 -9.50 14.19
C SER B 180 13.54 -9.86 15.51
N GLU B 181 12.84 -9.72 16.63
CA GLU B 181 13.38 -10.22 17.90
C GLU B 181 13.06 -11.70 18.05
N ARG B 182 13.10 -12.44 16.95
N ARG B 182 13.00 -12.40 16.92
CA ARG B 182 12.88 -13.89 16.92
CA ARG B 182 12.70 -13.83 16.81
C ARG B 182 11.52 -14.26 17.48
C ARG B 182 11.23 -14.12 17.10
#